data_1KSG
#
_entry.id   1KSG
#
_cell.length_a   48.100
_cell.length_b   45.700
_cell.length_c   74.700
_cell.angle_alpha   90.00
_cell.angle_beta   94.00
_cell.angle_gamma   90.00
#
_symmetry.space_group_name_H-M   'P 1 21 1'
#
loop_
_entity.id
_entity.type
_entity.pdbx_description
1 polymer 'arf-like protein 2'
2 polymer "RETINAL ROD RHODOPSIN-SENSITIVE CGMP 3',5'-CYCLIC PHOSPHODIESTERASE DELTA-SUBUNIT"
3 non-polymer 'MAGNESIUM ION'
4 non-polymer "GUANOSINE-5'-TRIPHOSPHATE"
5 water water
#
loop_
_entity_poly.entity_id
_entity_poly.type
_entity_poly.pdbx_seq_one_letter_code
_entity_poly.pdbx_strand_id
1 'polypeptide(L)'
;GSMGLLTILKKMKQKERELRLLMLGLDNAGKTTILKKFNGEDVDTISPTLGFNIKTLEHRGFKLNIWDVGGQKSLRSYWR
NYFESTDGLIWVVDSADRQRMQDCQRELQSLLVEERLAGATLLIFANKQDLPGALSCNAIQEALELDSIRSHHWRIQGCS
AVTGEDLLPGIDWLLDDISSRVFTAD
;
A
2 'polypeptide(L)'
;GSMSAKDERAREILRGFKLNWMNLRDAETGKILWQGTEDLSVPGVEHEARVPKKILKCKAVSRELNFSSTEQMEKFRLEQ
KVYFKGQCLEEWFFEFGFVIPNSTNTWQSLIEAAPESQMMPASVLTGNVIIETKFFDDDLLVSTSRVRLFYV
;
B
#
# COMPACT_ATOMS: atom_id res chain seq x y z
N SER A 2 22.74 24.39 -2.93
CA SER A 2 24.19 24.74 -2.99
C SER A 2 24.81 24.77 -1.57
N MET A 3 24.00 25.12 -0.57
CA MET A 3 24.42 25.17 0.83
C MET A 3 24.71 23.73 1.26
N GLY A 4 25.77 23.51 2.01
CA GLY A 4 26.12 22.16 2.42
C GLY A 4 25.00 21.28 2.93
N LEU A 5 24.10 21.83 3.72
CA LEU A 5 23.00 21.07 4.27
C LEU A 5 22.16 20.36 3.22
N LEU A 6 21.98 21.00 2.07
CA LEU A 6 21.19 20.42 1.01
C LEU A 6 21.78 19.12 0.45
N THR A 7 23.05 19.14 0.08
CA THR A 7 23.66 17.95 -0.47
C THR A 7 23.76 16.81 0.55
N ILE A 8 24.05 17.16 1.81
CA ILE A 8 24.17 16.16 2.88
C ILE A 8 22.83 15.50 3.17
N LEU A 9 21.76 16.27 3.19
CA LEU A 9 20.44 15.70 3.41
C LEU A 9 20.04 14.83 2.21
N LYS A 10 20.20 15.37 1.01
CA LYS A 10 19.82 14.65 -0.18
C LYS A 10 20.57 13.34 -0.30
N LYS A 11 21.84 13.37 0.09
CA LYS A 11 22.69 12.20 0.02
C LYS A 11 22.23 11.18 1.08
N MET A 12 21.80 11.71 2.21
CA MET A 12 21.32 10.87 3.31
C MET A 12 20.10 10.09 2.81
N LYS A 13 19.22 10.79 2.10
CA LYS A 13 18.02 10.18 1.56
C LYS A 13 18.40 9.14 0.51
N GLN A 14 19.36 9.49 -0.34
CA GLN A 14 19.83 8.59 -1.39
C GLN A 14 20.21 7.22 -0.84
N LYS A 15 20.86 7.19 0.32
CA LYS A 15 21.29 5.92 0.86
C LYS A 15 20.38 5.27 1.91
N GLU A 16 19.07 5.50 1.80
CA GLU A 16 18.16 4.87 2.74
C GLU A 16 17.78 3.48 2.21
N ARG A 17 17.80 2.48 3.08
CA ARG A 17 17.45 1.13 2.70
C ARG A 17 15.96 1.06 2.34
N GLU A 18 15.62 0.25 1.34
CA GLU A 18 14.22 0.11 0.94
C GLU A 18 13.68 -1.18 1.57
N LEU A 19 12.42 -1.15 1.99
CA LEU A 19 11.82 -2.33 2.60
C LEU A 19 10.42 -2.61 2.10
N ARG A 20 10.11 -3.89 1.99
CA ARG A 20 8.81 -4.33 1.57
C ARG A 20 8.05 -4.90 2.77
N LEU A 21 6.99 -4.21 3.19
CA LEU A 21 6.17 -4.68 4.32
C LEU A 21 4.86 -5.19 3.76
N LEU A 22 4.47 -6.40 4.16
CA LEU A 22 3.23 -7.01 3.71
C LEU A 22 2.25 -7.00 4.89
N MET A 23 1.10 -6.34 4.71
CA MET A 23 0.09 -6.22 5.75
C MET A 23 -1.13 -7.08 5.38
N LEU A 24 -1.33 -8.16 6.14
CA LEU A 24 -2.42 -9.07 5.88
C LEU A 24 -3.31 -9.24 7.11
N GLY A 25 -4.36 -10.03 6.96
CA GLY A 25 -5.30 -10.28 8.05
C GLY A 25 -6.68 -10.47 7.45
N LEU A 26 -7.62 -10.97 8.25
CA LEU A 26 -8.98 -11.21 7.79
C LEU A 26 -9.66 -9.90 7.46
N ASP A 27 -10.64 -9.95 6.56
CA ASP A 27 -11.41 -8.77 6.19
C ASP A 27 -12.02 -8.09 7.41
N ASN A 28 -12.17 -6.77 7.34
CA ASN A 28 -12.73 -5.95 8.42
C ASN A 28 -11.77 -5.85 9.62
N ALA A 29 -10.60 -6.47 9.53
CA ALA A 29 -9.61 -6.42 10.62
C ALA A 29 -9.13 -4.99 10.81
N GLY A 30 -9.18 -4.20 9.74
CA GLY A 30 -8.74 -2.82 9.81
C GLY A 30 -7.39 -2.49 9.17
N LYS A 31 -6.94 -3.36 8.26
CA LYS A 31 -5.66 -3.18 7.58
C LYS A 31 -5.57 -1.85 6.83
N THR A 32 -6.55 -1.57 5.99
CA THR A 32 -6.57 -0.34 5.19
C THR A 32 -6.71 0.95 6.00
N THR A 33 -7.36 0.86 7.15
CA THR A 33 -7.53 2.03 7.99
C THR A 33 -6.20 2.39 8.61
N ILE A 34 -5.44 1.38 9.03
CA ILE A 34 -4.13 1.60 9.60
C ILE A 34 -3.24 2.23 8.53
N LEU A 35 -3.31 1.68 7.32
CA LEU A 35 -2.48 2.20 6.25
C LEU A 35 -2.77 3.68 5.98
N LYS A 36 -4.04 4.04 6.05
CA LYS A 36 -4.46 5.43 5.83
C LYS A 36 -4.09 6.32 7.01
N LYS A 37 -4.19 5.80 8.23
CA LYS A 37 -3.86 6.57 9.42
C LYS A 37 -2.36 6.86 9.49
N PHE A 38 -1.57 6.11 8.74
CA PHE A 38 -0.12 6.31 8.68
C PHE A 38 0.17 7.66 8.02
N ASN A 39 -0.76 8.10 7.16
CA ASN A 39 -0.63 9.37 6.46
C ASN A 39 -1.73 10.32 6.93
N GLY A 40 -2.35 9.98 8.06
CA GLY A 40 -3.43 10.78 8.60
C GLY A 40 -4.39 11.05 7.46
N GLU A 41 -5.28 10.11 7.15
CA GLU A 41 -6.10 10.37 5.98
C GLU A 41 -7.57 10.02 5.90
N ASP A 42 -8.00 8.92 6.53
CA ASP A 42 -9.41 8.53 6.43
C ASP A 42 -10.32 9.74 6.45
N VAL A 43 -10.86 10.03 5.29
CA VAL A 43 -11.79 11.11 5.09
C VAL A 43 -12.94 10.27 4.57
N ASP A 44 -13.40 9.37 5.46
CA ASP A 44 -14.45 8.35 5.17
C ASP A 44 -14.78 7.82 3.78
N THR A 45 -13.77 7.38 3.04
CA THR A 45 -14.02 6.79 1.72
C THR A 45 -13.42 5.41 1.96
N ILE A 46 -14.12 4.55 2.69
CA ILE A 46 -13.51 3.28 2.99
C ILE A 46 -14.40 2.07 2.97
N SER A 47 -14.14 1.24 1.98
CA SER A 47 -14.90 0.03 1.78
C SER A 47 -13.94 -1.17 1.70
N PRO A 48 -14.48 -2.40 1.61
CA PRO A 48 -13.60 -3.57 1.51
C PRO A 48 -12.61 -3.46 0.34
N THR A 49 -11.37 -3.94 0.55
CA THR A 49 -10.36 -3.90 -0.49
C THR A 49 -10.45 -5.11 -1.42
N LEU A 50 -10.57 -4.82 -2.72
CA LEU A 50 -10.74 -5.88 -3.72
C LEU A 50 -9.47 -6.11 -4.53
N GLY A 51 -8.35 -6.19 -3.82
CA GLY A 51 -7.05 -6.38 -4.43
C GLY A 51 -6.04 -5.89 -3.42
N PHE A 52 -5.07 -5.07 -3.85
CA PHE A 52 -4.10 -4.57 -2.90
C PHE A 52 -4.12 -3.06 -2.90
N ASN A 53 -3.56 -2.49 -1.84
CA ASN A 53 -3.40 -1.05 -1.68
C ASN A 53 -1.91 -0.96 -1.41
N ILE A 54 -1.19 -0.17 -2.18
CA ILE A 54 0.24 -0.03 -1.94
C ILE A 54 0.57 1.42 -1.68
N LYS A 55 1.32 1.64 -0.61
CA LYS A 55 1.75 2.97 -0.24
C LYS A 55 3.25 2.92 -0.06
N THR A 56 3.91 3.90 -0.65
CA THR A 56 5.35 4.02 -0.55
C THR A 56 5.52 5.23 0.35
N LEU A 57 6.05 5.04 1.55
CA LEU A 57 6.24 6.13 2.50
C LEU A 57 7.69 6.54 2.67
N GLU A 58 8.04 6.80 3.92
CA GLU A 58 9.38 7.22 4.33
C GLU A 58 9.29 7.31 5.84
N HIS A 59 10.09 6.51 6.54
CA HIS A 59 10.04 6.55 8.00
C HIS A 59 11.26 5.92 8.65
N ARG A 60 11.76 6.60 9.67
CA ARG A 60 12.91 6.15 10.43
C ARG A 60 14.15 5.87 9.60
N GLY A 61 14.36 6.63 8.53
CA GLY A 61 15.51 6.39 7.70
C GLY A 61 15.27 5.26 6.70
N PHE A 62 14.08 4.68 6.69
CA PHE A 62 13.79 3.62 5.74
C PHE A 62 12.79 4.07 4.70
N LYS A 63 12.85 3.48 3.50
CA LYS A 63 11.90 3.78 2.44
C LYS A 63 10.99 2.55 2.46
N LEU A 64 9.74 2.74 2.85
CA LEU A 64 8.84 1.62 2.95
C LEU A 64 7.84 1.40 1.81
N ASN A 65 7.74 0.15 1.37
CA ASN A 65 6.78 -0.25 0.34
C ASN A 65 5.81 -1.16 1.09
N ILE A 66 4.68 -0.59 1.49
CA ILE A 66 3.70 -1.31 2.27
C ILE A 66 2.52 -1.79 1.44
N TRP A 67 2.43 -3.11 1.31
CA TRP A 67 1.38 -3.78 0.57
C TRP A 67 0.26 -4.27 1.49
N ASP A 68 -0.94 -3.75 1.28
CA ASP A 68 -2.13 -4.11 2.05
C ASP A 68 -3.00 -4.95 1.10
N VAL A 69 -3.15 -6.23 1.40
CA VAL A 69 -3.96 -7.07 0.53
C VAL A 69 -5.29 -7.46 1.20
N GLY A 70 -6.37 -7.34 0.42
CA GLY A 70 -7.69 -7.68 0.91
C GLY A 70 -7.74 -9.06 1.53
N GLY A 71 -8.42 -9.19 2.66
CA GLY A 71 -8.48 -10.46 3.35
C GLY A 71 -9.78 -11.25 3.29
N GLN A 72 -10.74 -10.82 2.47
CA GLN A 72 -11.96 -11.60 2.39
C GLN A 72 -11.61 -12.94 1.75
N LYS A 73 -12.41 -13.97 2.06
CA LYS A 73 -12.21 -15.34 1.59
C LYS A 73 -11.63 -15.49 0.18
N SER A 74 -12.27 -14.86 -0.80
CA SER A 74 -11.84 -14.93 -2.19
C SER A 74 -10.40 -14.48 -2.51
N LEU A 75 -9.84 -13.53 -1.76
CA LEU A 75 -8.50 -13.04 -2.04
C LEU A 75 -7.30 -13.71 -1.36
N ARG A 76 -7.55 -14.50 -0.32
CA ARG A 76 -6.47 -15.13 0.42
C ARG A 76 -5.57 -16.13 -0.30
N SER A 77 -6.09 -16.81 -1.32
CA SER A 77 -5.24 -17.75 -2.04
C SER A 77 -4.24 -16.99 -2.92
N TYR A 78 -4.42 -15.67 -3.04
CA TYR A 78 -3.51 -14.85 -3.82
C TYR A 78 -2.45 -14.19 -2.95
N TRP A 79 -2.57 -14.32 -1.64
CA TRP A 79 -1.58 -13.71 -0.75
C TRP A 79 -0.17 -14.18 -1.07
N ARG A 80 -0.03 -15.45 -1.45
CA ARG A 80 1.29 -15.98 -1.71
C ARG A 80 1.97 -15.32 -2.90
N ASN A 81 1.20 -14.60 -3.71
CA ASN A 81 1.79 -13.91 -4.86
C ASN A 81 2.54 -12.63 -4.46
N TYR A 82 2.47 -12.27 -3.19
CA TYR A 82 3.13 -11.07 -2.72
C TYR A 82 4.13 -11.36 -1.64
N PHE A 83 4.48 -12.63 -1.48
CA PHE A 83 5.43 -13.07 -0.46
C PHE A 83 6.88 -12.71 -0.72
N GLU A 84 7.36 -13.13 -1.87
CA GLU A 84 8.74 -12.89 -2.30
C GLU A 84 9.31 -11.52 -1.92
N SER A 85 10.46 -11.55 -1.25
CA SER A 85 11.19 -10.36 -0.81
C SER A 85 10.60 -9.58 0.36
N THR A 86 9.57 -10.14 1.00
CA THR A 86 8.96 -9.47 2.14
C THR A 86 9.91 -9.36 3.34
N ASP A 87 10.16 -8.12 3.77
CA ASP A 87 11.04 -7.85 4.91
C ASP A 87 10.29 -7.94 6.23
N GLY A 88 9.03 -7.52 6.22
CA GLY A 88 8.25 -7.56 7.44
C GLY A 88 6.81 -7.92 7.15
N LEU A 89 6.27 -8.82 7.97
CA LEU A 89 4.89 -9.24 7.86
C LEU A 89 4.10 -8.59 9.00
N ILE A 90 3.00 -7.90 8.66
CA ILE A 90 2.15 -7.24 9.65
C ILE A 90 0.78 -7.93 9.63
N TRP A 91 0.42 -8.55 10.76
CA TRP A 91 -0.84 -9.27 10.88
C TRP A 91 -1.82 -8.46 11.71
N VAL A 92 -2.86 -7.95 11.04
CA VAL A 92 -3.90 -7.14 11.67
C VAL A 92 -5.06 -8.00 12.19
N VAL A 93 -5.46 -7.78 13.43
CA VAL A 93 -6.53 -8.54 14.05
C VAL A 93 -7.60 -7.66 14.68
N ASP A 94 -8.87 -8.02 14.50
CA ASP A 94 -9.96 -7.26 15.11
C ASP A 94 -10.09 -7.79 16.53
N SER A 95 -9.58 -7.03 17.49
CA SER A 95 -9.60 -7.41 18.90
C SER A 95 -10.99 -7.67 19.45
N ALA A 96 -11.99 -7.05 18.83
CA ALA A 96 -13.36 -7.20 19.27
C ALA A 96 -14.17 -8.22 18.47
N ASP A 97 -13.50 -9.01 17.62
CA ASP A 97 -14.20 -10.01 16.82
C ASP A 97 -13.84 -11.43 17.28
N ARG A 98 -14.17 -11.76 18.52
CA ARG A 98 -13.90 -13.08 19.08
C ARG A 98 -14.50 -14.21 18.23
N GLN A 99 -15.54 -13.86 17.46
CA GLN A 99 -16.25 -14.80 16.59
C GLN A 99 -15.41 -15.37 15.46
N ARG A 100 -14.19 -14.86 15.28
CA ARG A 100 -13.31 -15.31 14.21
C ARG A 100 -11.88 -15.68 14.60
N MET A 101 -11.52 -15.40 15.85
CA MET A 101 -10.19 -15.68 16.34
C MET A 101 -9.60 -16.99 15.83
N GLN A 102 -10.43 -18.02 15.63
CA GLN A 102 -9.93 -19.31 15.16
C GLN A 102 -9.45 -19.30 13.72
N ASP A 103 -10.18 -18.61 12.85
CA ASP A 103 -9.77 -18.52 11.45
C ASP A 103 -8.56 -17.64 11.41
N CYS A 104 -8.63 -16.54 12.15
CA CYS A 104 -7.52 -15.64 12.18
C CYS A 104 -6.26 -16.40 12.52
N GLN A 105 -6.33 -17.22 13.57
CA GLN A 105 -5.18 -18.02 14.00
C GLN A 105 -4.78 -19.04 12.94
N ARG A 106 -5.77 -19.58 12.24
CA ARG A 106 -5.48 -20.56 11.22
C ARG A 106 -4.70 -19.96 10.04
N GLU A 107 -5.16 -18.80 9.56
CA GLU A 107 -4.50 -18.12 8.45
C GLU A 107 -3.06 -17.75 8.80
N LEU A 108 -2.89 -17.25 10.02
CA LEU A 108 -1.58 -16.85 10.51
C LEU A 108 -0.61 -18.01 10.47
N GLN A 109 -1.04 -19.16 10.99
CA GLN A 109 -0.15 -20.31 10.99
C GLN A 109 0.17 -20.86 9.61
N SER A 110 -0.75 -20.68 8.67
CA SER A 110 -0.52 -21.16 7.30
C SER A 110 0.57 -20.31 6.68
N LEU A 111 0.63 -19.05 7.13
CA LEU A 111 1.60 -18.10 6.64
C LEU A 111 3.00 -18.30 7.17
N LEU A 112 3.11 -18.67 8.44
CA LEU A 112 4.41 -18.84 9.07
C LEU A 112 5.23 -20.05 8.65
N VAL A 113 4.59 -21.03 8.03
CA VAL A 113 5.31 -22.20 7.55
C VAL A 113 5.55 -22.03 6.06
N GLU A 114 5.19 -20.85 5.54
CA GLU A 114 5.38 -20.55 4.12
C GLU A 114 6.82 -20.12 3.94
N GLU A 115 7.60 -20.97 3.28
CA GLU A 115 9.03 -20.72 3.08
C GLU A 115 9.41 -19.36 2.49
N ARG A 116 8.55 -18.79 1.64
CA ARG A 116 8.90 -17.50 1.07
C ARG A 116 8.88 -16.36 2.08
N LEU A 117 8.40 -16.65 3.29
CA LEU A 117 8.34 -15.64 4.34
C LEU A 117 9.31 -16.00 5.46
N ALA A 118 10.17 -16.97 5.20
CA ALA A 118 11.16 -17.47 6.16
C ALA A 118 11.86 -16.48 7.08
N GLY A 119 12.37 -15.38 6.53
CA GLY A 119 13.09 -14.42 7.37
C GLY A 119 12.38 -13.13 7.76
N ALA A 120 11.08 -13.07 7.52
CA ALA A 120 10.32 -11.87 7.81
C ALA A 120 10.08 -11.64 9.30
N THR A 121 10.16 -10.38 9.73
CA THR A 121 9.89 -10.05 11.12
C THR A 121 8.37 -9.93 11.22
N LEU A 122 7.79 -10.44 12.30
CA LEU A 122 6.33 -10.43 12.47
C LEU A 122 5.73 -9.51 13.53
N LEU A 123 4.99 -8.51 13.09
CA LEU A 123 4.33 -7.62 14.01
C LEU A 123 2.84 -7.97 14.02
N ILE A 124 2.25 -8.10 15.22
CA ILE A 124 0.83 -8.38 15.30
C ILE A 124 0.14 -7.19 15.90
N PHE A 125 -0.77 -6.59 15.13
CA PHE A 125 -1.54 -5.46 15.59
C PHE A 125 -2.88 -5.96 16.12
N ALA A 126 -3.06 -5.89 17.44
CA ALA A 126 -4.33 -6.28 18.04
C ALA A 126 -5.04 -4.95 17.95
N ASN A 127 -5.70 -4.77 16.82
CA ASN A 127 -6.39 -3.55 16.47
C ASN A 127 -7.78 -3.45 17.10
N LYS A 128 -8.36 -2.26 17.02
CA LYS A 128 -9.67 -1.95 17.58
C LYS A 128 -9.73 -2.00 19.11
N GLN A 129 -8.58 -1.77 19.74
CA GLN A 129 -8.50 -1.76 21.19
C GLN A 129 -9.40 -0.69 21.80
N ASP A 130 -9.78 0.28 20.98
CA ASP A 130 -10.64 1.38 21.41
C ASP A 130 -12.05 0.91 21.73
N LEU A 131 -12.41 -0.28 21.26
CA LEU A 131 -13.75 -0.79 21.49
C LEU A 131 -14.19 -1.16 22.92
N PRO A 132 -15.49 -0.92 23.22
CA PRO A 132 -16.14 -1.17 24.51
C PRO A 132 -15.63 -2.41 25.20
N GLY A 133 -15.74 -3.51 24.48
CA GLY A 133 -15.29 -4.79 24.99
C GLY A 133 -14.54 -5.53 23.90
N ALA A 134 -13.29 -5.13 23.73
CA ALA A 134 -12.43 -5.78 22.77
C ALA A 134 -11.45 -6.51 23.65
N LEU A 135 -10.90 -7.60 23.13
CA LEU A 135 -9.98 -8.41 23.90
C LEU A 135 -8.62 -7.78 24.16
N SER A 136 -7.92 -8.36 25.13
CA SER A 136 -6.62 -7.89 25.53
C SER A 136 -5.53 -8.56 24.72
N CYS A 137 -4.34 -7.97 24.72
CA CYS A 137 -3.22 -8.54 23.98
C CYS A 137 -2.89 -9.96 24.45
N ASN A 138 -2.76 -10.15 25.76
CA ASN A 138 -2.47 -11.47 26.31
C ASN A 138 -3.49 -12.50 25.86
N ALA A 139 -4.75 -12.11 25.85
CA ALA A 139 -5.82 -12.99 25.40
C ALA A 139 -5.51 -13.35 23.94
N ILE A 140 -5.63 -12.38 23.04
CA ILE A 140 -5.35 -12.58 21.62
C ILE A 140 -4.05 -13.37 21.42
N GLN A 141 -3.02 -13.03 22.17
CA GLN A 141 -1.73 -13.73 22.08
C GLN A 141 -1.87 -15.22 22.43
N GLU A 142 -2.78 -15.52 23.35
CA GLU A 142 -3.03 -16.89 23.76
C GLU A 142 -3.86 -17.57 22.68
N ALA A 143 -4.92 -16.90 22.25
CA ALA A 143 -5.84 -17.38 21.23
C ALA A 143 -5.19 -17.54 19.86
N LEU A 144 -4.09 -16.85 19.59
CA LEU A 144 -3.42 -16.98 18.30
C LEU A 144 -2.25 -17.96 18.38
N GLU A 145 -2.15 -18.66 19.51
CA GLU A 145 -1.09 -19.64 19.71
C GLU A 145 0.27 -19.04 19.32
N LEU A 146 0.43 -17.74 19.60
CA LEU A 146 1.65 -17.00 19.28
C LEU A 146 2.87 -17.48 20.05
N ASP A 147 2.64 -18.28 21.09
CA ASP A 147 3.73 -18.81 21.89
C ASP A 147 4.22 -20.13 21.29
N SER A 148 3.60 -20.51 20.17
CA SER A 148 3.95 -21.73 19.46
C SER A 148 4.73 -21.40 18.16
N ILE A 149 5.32 -20.20 18.12
CA ILE A 149 6.10 -19.74 16.98
C ILE A 149 7.59 -19.87 17.29
N ARG A 150 8.34 -20.43 16.36
CA ARG A 150 9.76 -20.64 16.60
C ARG A 150 10.70 -20.08 15.54
N SER A 151 10.18 -19.88 14.34
CA SER A 151 11.02 -19.38 13.26
C SER A 151 10.91 -17.89 12.96
N HIS A 152 10.12 -17.15 13.73
CA HIS A 152 9.98 -15.72 13.46
C HIS A 152 10.03 -14.81 14.68
N HIS A 153 10.77 -13.71 14.57
CA HIS A 153 10.84 -12.72 15.64
C HIS A 153 9.45 -12.11 15.61
N TRP A 154 8.82 -11.92 16.77
CA TRP A 154 7.49 -11.33 16.76
C TRP A 154 7.13 -10.50 17.99
N ARG A 155 6.20 -9.58 17.80
CA ARG A 155 5.71 -8.73 18.87
C ARG A 155 4.24 -8.41 18.64
N ILE A 156 3.42 -8.56 19.67
CA ILE A 156 2.01 -8.23 19.55
C ILE A 156 1.89 -6.83 20.12
N GLN A 157 1.17 -5.97 19.42
CA GLN A 157 1.02 -4.58 19.82
C GLN A 157 -0.45 -4.15 19.73
N GLY A 158 -0.99 -3.70 20.86
CA GLY A 158 -2.38 -3.25 20.87
C GLY A 158 -2.38 -1.89 20.21
N CYS A 159 -3.49 -1.50 19.58
CA CYS A 159 -3.57 -0.21 18.91
C CYS A 159 -5.01 0.10 18.54
N SER A 160 -5.19 1.27 17.95
CA SER A 160 -6.49 1.70 17.46
C SER A 160 -6.22 2.49 16.18
N ALA A 161 -6.52 1.89 15.03
CA ALA A 161 -6.32 2.52 13.74
C ALA A 161 -7.15 3.80 13.59
N VAL A 162 -8.32 3.80 14.21
CA VAL A 162 -9.19 4.97 14.12
C VAL A 162 -8.65 6.21 14.79
N THR A 163 -7.85 6.06 15.85
CA THR A 163 -7.31 7.23 16.50
C THR A 163 -5.80 7.32 16.30
N GLY A 164 -5.22 6.26 15.76
CA GLY A 164 -3.79 6.23 15.50
C GLY A 164 -2.98 5.92 16.75
N GLU A 165 -3.66 5.58 17.84
CA GLU A 165 -3.00 5.29 19.10
C GLU A 165 -2.19 3.98 19.10
N ASP A 166 -0.91 4.10 19.41
CA ASP A 166 0.02 2.96 19.46
C ASP A 166 0.47 2.36 18.13
N LEU A 167 0.15 2.99 17.01
CA LEU A 167 0.59 2.47 15.71
C LEU A 167 2.10 2.62 15.50
N LEU A 168 2.65 3.75 15.92
CA LEU A 168 4.08 4.01 15.72
C LEU A 168 5.01 3.08 16.54
N PRO A 169 4.65 2.75 17.79
CA PRO A 169 5.50 1.86 18.60
C PRO A 169 5.64 0.51 17.92
N GLY A 170 4.54 0.04 17.33
CA GLY A 170 4.56 -1.23 16.62
C GLY A 170 5.44 -1.13 15.39
N ILE A 171 5.26 -0.09 14.58
CA ILE A 171 6.08 0.05 13.37
C ILE A 171 7.57 0.22 13.67
N ASP A 172 7.86 1.01 14.71
CA ASP A 172 9.22 1.26 15.16
C ASP A 172 9.94 -0.03 15.57
N TRP A 173 9.29 -0.85 16.40
CA TRP A 173 9.88 -2.12 16.82
C TRP A 173 10.19 -2.95 15.57
N LEU A 174 9.21 -3.02 14.67
CA LEU A 174 9.34 -3.76 13.43
C LEU A 174 10.55 -3.31 12.58
N LEU A 175 10.70 -2.01 12.39
CA LEU A 175 11.83 -1.52 11.59
C LEU A 175 13.17 -1.74 12.30
N ASP A 176 13.14 -1.91 13.61
CA ASP A 176 14.35 -2.14 14.39
C ASP A 176 14.83 -3.57 14.23
N ASP A 177 13.91 -4.51 14.40
CA ASP A 177 14.25 -5.90 14.27
C ASP A 177 14.75 -6.18 12.86
N ILE A 178 14.09 -5.59 11.87
CA ILE A 178 14.53 -5.82 10.50
C ILE A 178 15.97 -5.31 10.34
N SER A 179 16.30 -4.22 11.04
CA SER A 179 17.64 -3.64 10.98
C SER A 179 18.74 -4.59 11.42
N SER A 180 18.45 -5.41 12.44
CA SER A 180 19.42 -6.37 12.95
C SER A 180 19.80 -7.39 11.88
N ARG A 181 18.89 -7.62 10.95
CA ARG A 181 19.06 -8.56 9.84
C ARG A 181 18.98 -10.02 10.31
N LYS B 6 -2.19 -16.14 -28.26
CA LYS B 6 -0.77 -15.71 -28.40
C LYS B 6 -0.71 -14.19 -28.28
N ASP B 7 -1.80 -13.56 -28.65
CA ASP B 7 -1.97 -12.12 -28.59
C ASP B 7 -3.47 -11.89 -28.44
N GLU B 8 -4.20 -13.00 -28.38
CA GLU B 8 -5.63 -12.98 -28.19
C GLU B 8 -5.72 -12.62 -26.71
N ARG B 9 -4.79 -13.21 -25.95
CA ARG B 9 -4.69 -13.00 -24.52
C ARG B 9 -4.38 -11.53 -24.29
N ALA B 10 -3.35 -11.04 -24.97
CA ALA B 10 -2.92 -9.65 -24.86
C ALA B 10 -4.12 -8.75 -25.07
N ARG B 11 -4.88 -9.03 -26.11
CA ARG B 11 -6.07 -8.24 -26.42
C ARG B 11 -7.03 -8.25 -25.22
N GLU B 12 -7.10 -9.38 -24.51
CA GLU B 12 -7.99 -9.51 -23.34
C GLU B 12 -7.51 -8.63 -22.19
N ILE B 13 -6.20 -8.66 -21.99
CA ILE B 13 -5.60 -7.86 -20.95
C ILE B 13 -5.96 -6.40 -21.21
N LEU B 14 -5.51 -5.89 -22.35
CA LEU B 14 -5.77 -4.49 -22.75
C LEU B 14 -7.22 -4.06 -22.54
N ARG B 15 -8.13 -4.90 -23.01
CA ARG B 15 -9.54 -4.61 -22.92
C ARG B 15 -10.13 -4.65 -21.52
N GLY B 16 -9.51 -5.39 -20.60
CA GLY B 16 -10.06 -5.49 -19.25
C GLY B 16 -9.53 -4.52 -18.22
N PHE B 17 -8.62 -3.65 -18.64
CA PHE B 17 -8.02 -2.69 -17.73
C PHE B 17 -8.74 -1.34 -17.80
N LYS B 18 -8.97 -0.77 -16.63
CA LYS B 18 -9.64 0.53 -16.53
C LYS B 18 -9.02 1.33 -15.38
N LEU B 19 -8.58 2.55 -15.69
CA LEU B 19 -7.99 3.44 -14.68
C LEU B 19 -9.10 4.35 -14.19
N ASN B 20 -9.75 3.97 -13.11
CA ASN B 20 -10.86 4.72 -12.55
C ASN B 20 -10.57 6.16 -12.16
N TRP B 21 -9.70 6.35 -11.17
CA TRP B 21 -9.39 7.71 -10.75
C TRP B 21 -7.97 7.91 -10.29
N MET B 22 -7.56 9.18 -10.36
CA MET B 22 -6.24 9.63 -9.96
C MET B 22 -6.48 10.86 -9.08
N ASN B 23 -5.59 11.08 -8.11
CA ASN B 23 -5.73 12.24 -7.24
C ASN B 23 -4.39 12.74 -6.74
N LEU B 24 -4.46 13.90 -6.09
CA LEU B 24 -3.29 14.58 -5.53
C LEU B 24 -3.65 15.07 -4.14
N ARG B 25 -2.88 14.62 -3.15
CA ARG B 25 -3.11 15.04 -1.78
C ARG B 25 -1.92 15.85 -1.27
N ASP B 26 -2.17 16.56 -0.18
CA ASP B 26 -1.16 17.34 0.49
C ASP B 26 -0.67 16.37 1.56
N ALA B 27 0.51 15.81 1.35
CA ALA B 27 1.07 14.83 2.28
C ALA B 27 1.05 15.28 3.74
N GLU B 28 1.51 16.49 4.01
CA GLU B 28 1.53 16.98 5.38
C GLU B 28 0.11 17.03 5.98
N THR B 29 -0.88 17.22 5.12
CA THR B 29 -2.27 17.29 5.57
C THR B 29 -3.00 15.96 5.44
N GLY B 30 -2.86 15.33 4.28
CA GLY B 30 -3.55 14.09 4.01
C GLY B 30 -4.83 14.44 3.27
N LYS B 31 -4.91 15.71 2.84
CA LYS B 31 -6.09 16.19 2.13
C LYS B 31 -6.01 16.12 0.62
N ILE B 32 -7.13 15.71 0.03
CA ILE B 32 -7.25 15.62 -1.41
C ILE B 32 -7.36 17.03 -1.96
N LEU B 33 -6.43 17.38 -2.84
CA LEU B 33 -6.44 18.70 -3.45
C LEU B 33 -7.26 18.56 -4.72
N TRP B 34 -6.98 17.47 -5.44
CA TRP B 34 -7.68 17.18 -6.66
C TRP B 34 -7.82 15.69 -6.93
N GLN B 35 -9.02 15.28 -7.33
CA GLN B 35 -9.28 13.89 -7.67
C GLN B 35 -10.27 13.86 -8.84
N GLY B 36 -9.98 13.04 -9.85
CA GLY B 36 -10.85 12.92 -11.00
C GLY B 36 -11.25 11.47 -11.23
N THR B 37 -12.46 11.24 -11.75
CA THR B 37 -12.93 9.87 -11.96
C THR B 37 -13.27 9.53 -13.40
N GLU B 38 -13.14 10.47 -14.33
CA GLU B 38 -13.47 10.12 -15.70
C GLU B 38 -12.65 10.77 -16.82
N ASP B 39 -12.71 10.18 -18.01
CA ASP B 39 -11.98 10.66 -19.17
C ASP B 39 -10.48 10.56 -18.98
N LEU B 40 -10.05 9.75 -18.03
CA LEU B 40 -8.63 9.60 -17.75
C LEU B 40 -7.83 8.98 -18.90
N SER B 41 -8.43 8.06 -19.65
CA SER B 41 -7.69 7.41 -20.72
C SER B 41 -8.45 7.35 -22.02
N VAL B 42 -9.38 8.27 -22.14
CA VAL B 42 -10.22 8.33 -23.32
C VAL B 42 -9.63 9.20 -24.44
N PRO B 43 -9.96 8.88 -25.71
CA PRO B 43 -9.44 9.66 -26.82
C PRO B 43 -9.92 11.09 -26.83
N GLY B 44 -8.95 11.97 -27.04
CA GLY B 44 -9.24 13.39 -27.03
C GLY B 44 -8.24 14.41 -26.50
N VAL B 45 -8.79 15.31 -25.71
CA VAL B 45 -8.04 16.45 -25.20
C VAL B 45 -7.29 16.38 -23.88
N GLU B 46 -6.84 15.20 -23.45
CA GLU B 46 -6.12 15.15 -22.18
C GLU B 46 -6.99 15.75 -21.07
N HIS B 47 -7.80 14.95 -20.39
CA HIS B 47 -8.64 15.54 -19.35
C HIS B 47 -7.79 16.26 -18.31
N GLU B 48 -8.31 17.38 -17.84
CA GLU B 48 -7.62 18.12 -16.80
C GLU B 48 -8.58 18.46 -15.75
N ALA B 49 -8.06 19.13 -14.75
CA ALA B 49 -8.89 19.46 -13.67
C ALA B 49 -8.31 20.51 -12.75
N ARG B 50 -9.01 20.67 -11.64
CA ARG B 50 -8.75 21.72 -10.67
C ARG B 50 -7.77 21.69 -9.51
N VAL B 51 -6.44 21.74 -9.67
CA VAL B 51 -5.73 21.71 -8.40
C VAL B 51 -5.02 22.96 -7.85
N PRO B 52 -5.74 23.68 -6.94
CA PRO B 52 -5.37 24.90 -6.21
C PRO B 52 -3.86 25.01 -6.16
N LYS B 53 -3.36 25.97 -6.91
CA LYS B 53 -1.96 26.22 -7.06
C LYS B 53 -0.96 26.14 -5.91
N LYS B 54 -1.40 26.30 -4.67
CA LYS B 54 -0.47 26.24 -3.54
C LYS B 54 0.23 24.91 -3.38
N ILE B 55 0.13 24.04 -4.38
CA ILE B 55 0.77 22.73 -4.33
C ILE B 55 2.28 22.86 -4.26
N LEU B 56 2.81 23.96 -4.80
CA LEU B 56 4.25 24.19 -4.76
C LEU B 56 4.64 24.65 -3.36
N LYS B 57 3.65 25.05 -2.57
CA LYS B 57 3.89 25.49 -1.20
C LYS B 57 3.76 24.29 -0.27
N CYS B 58 3.39 23.16 -0.85
CA CYS B 58 3.28 21.88 -0.14
C CYS B 58 4.62 21.22 -0.44
N LYS B 59 5.40 20.89 0.59
CA LYS B 59 6.69 20.26 0.35
C LYS B 59 6.57 18.76 0.13
N ALA B 60 5.36 18.24 0.27
CA ALA B 60 5.15 16.82 0.05
C ALA B 60 3.80 16.57 -0.58
N VAL B 61 3.78 15.77 -1.65
CA VAL B 61 2.55 15.43 -2.37
C VAL B 61 2.42 13.92 -2.59
N SER B 62 1.22 13.40 -2.39
CA SER B 62 0.99 11.97 -2.58
C SER B 62 0.05 11.67 -3.77
N ARG B 63 0.62 11.14 -4.84
CA ARG B 63 -0.17 10.78 -6.01
C ARG B 63 -0.74 9.39 -5.80
N GLU B 64 -2.02 9.23 -6.06
CA GLU B 64 -2.69 7.94 -5.89
C GLU B 64 -3.51 7.58 -7.13
N LEU B 65 -3.42 6.32 -7.57
CA LEU B 65 -4.18 5.82 -8.72
C LEU B 65 -5.00 4.60 -8.31
N ASN B 66 -6.15 4.44 -8.94
CA ASN B 66 -7.02 3.30 -8.68
C ASN B 66 -7.35 2.67 -10.03
N PHE B 67 -7.01 1.39 -10.20
CA PHE B 67 -7.29 0.71 -11.45
C PHE B 67 -7.95 -0.66 -11.21
N SER B 68 -8.75 -1.08 -12.18
CA SER B 68 -9.42 -2.37 -12.08
C SER B 68 -8.87 -3.17 -13.26
N SER B 69 -8.85 -4.49 -13.11
CA SER B 69 -8.37 -5.35 -14.18
C SER B 69 -9.14 -6.64 -14.14
N THR B 70 -9.69 -7.02 -15.29
CA THR B 70 -10.44 -8.25 -15.41
C THR B 70 -9.50 -9.44 -15.53
N GLU B 71 -8.45 -9.28 -16.32
CA GLU B 71 -7.49 -10.35 -16.54
C GLU B 71 -6.39 -10.36 -15.50
N GLN B 72 -5.95 -11.57 -15.17
CA GLN B 72 -4.87 -11.75 -14.24
C GLN B 72 -3.59 -11.41 -15.00
N MET B 73 -2.65 -10.76 -14.34
CA MET B 73 -1.37 -10.42 -14.96
C MET B 73 -0.31 -10.88 -13.98
N GLU B 74 0.87 -11.22 -14.50
CA GLU B 74 1.93 -11.71 -13.64
C GLU B 74 3.11 -10.76 -13.47
N LYS B 75 3.25 -9.77 -14.36
CA LYS B 75 4.38 -8.84 -14.25
C LYS B 75 4.00 -7.40 -14.53
N PHE B 76 2.92 -6.94 -13.91
CA PHE B 76 2.40 -5.58 -14.08
C PHE B 76 3.32 -4.53 -13.49
N ARG B 77 3.51 -3.45 -14.23
CA ARG B 77 4.33 -2.37 -13.75
C ARG B 77 3.75 -1.03 -14.16
N LEU B 78 4.39 0.04 -13.69
CA LEU B 78 3.95 1.40 -13.92
C LEU B 78 5.09 2.37 -14.23
N GLU B 79 4.88 3.23 -15.22
CA GLU B 79 5.87 4.24 -15.59
C GLU B 79 5.14 5.59 -15.60
N GLN B 80 5.60 6.49 -14.75
CA GLN B 80 4.99 7.82 -14.65
C GLN B 80 6.01 8.91 -14.89
N LYS B 81 5.83 9.64 -15.98
CA LYS B 81 6.74 10.70 -16.35
C LYS B 81 5.97 12.01 -16.31
N VAL B 82 6.52 13.01 -15.66
CA VAL B 82 5.85 14.32 -15.63
C VAL B 82 6.31 15.16 -16.79
N TYR B 83 5.37 15.73 -17.53
CA TYR B 83 5.79 16.44 -18.73
C TYR B 83 5.59 17.89 -19.14
N PHE B 84 6.46 18.83 -18.79
CA PHE B 84 6.23 20.08 -19.48
C PHE B 84 7.44 20.40 -20.33
N LYS B 85 7.27 20.11 -21.61
CA LYS B 85 8.31 20.36 -22.60
C LYS B 85 9.71 19.95 -22.14
N GLY B 86 10.51 20.98 -21.87
CA GLY B 86 11.88 20.87 -21.47
C GLY B 86 12.37 19.62 -20.79
N GLN B 87 13.67 19.67 -20.54
CA GLN B 87 14.38 18.62 -19.84
C GLN B 87 13.41 18.15 -18.77
N CYS B 88 13.43 16.85 -18.52
CA CYS B 88 12.45 16.29 -17.65
C CYS B 88 12.53 16.22 -16.15
N LEU B 89 11.43 16.71 -15.62
CA LEU B 89 11.18 16.90 -14.20
C LEU B 89 10.85 15.67 -13.40
N GLU B 90 10.30 14.65 -14.04
CA GLU B 90 9.95 13.48 -13.26
C GLU B 90 9.85 12.12 -13.95
N GLU B 91 10.43 11.15 -13.25
CA GLU B 91 10.49 9.77 -13.64
C GLU B 91 10.10 8.90 -12.44
N TRP B 92 9.00 8.15 -12.56
CA TRP B 92 8.59 7.29 -11.46
C TRP B 92 8.29 5.90 -11.98
N PHE B 93 8.87 4.89 -11.30
CA PHE B 93 8.65 3.50 -11.69
C PHE B 93 8.25 2.63 -10.50
N PHE B 94 7.39 1.66 -10.76
CA PHE B 94 6.97 0.75 -9.72
C PHE B 94 6.54 -0.57 -10.33
N GLU B 95 7.03 -1.66 -9.73
CA GLU B 95 6.74 -3.01 -10.18
C GLU B 95 5.72 -3.64 -9.23
N PHE B 96 4.51 -3.91 -9.70
CA PHE B 96 3.49 -4.52 -8.86
C PHE B 96 3.64 -6.03 -8.87
N GLY B 97 3.98 -6.58 -10.03
CA GLY B 97 4.12 -8.02 -10.14
C GLY B 97 2.77 -8.65 -10.46
N PHE B 98 2.26 -9.43 -9.53
CA PHE B 98 0.98 -10.11 -9.71
C PHE B 98 -0.23 -9.19 -9.51
N VAL B 99 -1.27 -9.42 -10.32
CA VAL B 99 -2.51 -8.68 -10.20
C VAL B 99 -3.64 -9.71 -10.29
N ILE B 100 -4.50 -9.68 -9.29
CA ILE B 100 -5.61 -10.60 -9.16
C ILE B 100 -6.68 -10.29 -10.20
N PRO B 101 -7.33 -11.33 -10.76
CA PRO B 101 -8.38 -11.14 -11.75
C PRO B 101 -9.64 -10.52 -11.12
N ASN B 102 -10.34 -9.67 -11.87
CA ASN B 102 -11.54 -9.02 -11.33
C ASN B 102 -11.14 -8.36 -10.03
N SER B 103 -10.03 -7.63 -10.07
CA SER B 103 -9.56 -6.96 -8.89
C SER B 103 -9.62 -5.46 -9.08
N THR B 104 -9.60 -4.74 -7.97
CA THR B 104 -9.56 -3.28 -8.00
C THR B 104 -8.44 -3.02 -7.05
N ASN B 105 -7.48 -2.24 -7.52
CA ASN B 105 -6.30 -1.95 -6.74
C ASN B 105 -6.00 -0.46 -6.63
N THR B 106 -5.12 -0.14 -5.69
CA THR B 106 -4.71 1.22 -5.43
C THR B 106 -3.20 1.30 -5.22
N TRP B 107 -2.60 2.36 -5.72
CA TRP B 107 -1.18 2.63 -5.59
C TRP B 107 -1.00 4.11 -5.29
N GLN B 108 -0.10 4.42 -4.37
CA GLN B 108 0.15 5.80 -4.02
C GLN B 108 1.61 5.98 -3.65
N SER B 109 2.18 7.09 -4.08
CA SER B 109 3.58 7.42 -3.79
C SER B 109 3.68 8.76 -3.09
N LEU B 110 4.79 9.02 -2.41
CA LEU B 110 5.00 10.28 -1.72
C LEU B 110 6.15 11.07 -2.33
N ILE B 111 6.11 12.40 -2.18
CA ILE B 111 7.15 13.27 -2.72
C ILE B 111 8.08 13.80 -1.63
N ILE B 131 1.61 15.20 -17.85
CA ILE B 131 1.75 14.02 -16.99
C ILE B 131 1.24 12.73 -17.65
N GLU B 132 2.11 11.98 -18.31
CA GLU B 132 1.64 10.74 -18.92
C GLU B 132 2.03 9.51 -18.12
N THR B 133 1.03 8.68 -17.83
CA THR B 133 1.20 7.45 -17.06
C THR B 133 0.99 6.22 -17.95
N LYS B 134 1.97 5.31 -17.94
CA LYS B 134 1.89 4.11 -18.74
C LYS B 134 1.90 2.83 -17.88
N PHE B 135 1.00 1.90 -18.19
CA PHE B 135 0.87 0.63 -17.48
C PHE B 135 1.38 -0.52 -18.37
N PHE B 136 2.14 -1.46 -17.80
CA PHE B 136 2.67 -2.57 -18.61
C PHE B 136 2.58 -3.96 -17.94
N ASP B 137 2.61 -5.00 -18.76
CA ASP B 137 2.65 -6.36 -18.24
C ASP B 137 3.84 -6.92 -19.00
N ASP B 138 4.97 -7.09 -18.31
CA ASP B 138 6.21 -7.49 -18.95
C ASP B 138 6.43 -6.32 -19.92
N ASP B 139 6.26 -6.49 -21.24
CA ASP B 139 6.47 -5.39 -22.19
C ASP B 139 5.34 -5.05 -23.18
N LEU B 140 4.14 -5.48 -22.79
CA LEU B 140 2.94 -5.23 -23.53
C LEU B 140 2.42 -3.98 -22.86
N LEU B 141 2.06 -2.98 -23.66
CA LEU B 141 1.55 -1.73 -23.12
C LEU B 141 0.07 -1.93 -22.83
N VAL B 142 -0.35 -1.72 -21.60
CA VAL B 142 -1.75 -1.93 -21.27
C VAL B 142 -2.61 -0.68 -21.41
N SER B 143 -2.06 0.47 -21.06
CA SER B 143 -2.81 1.71 -21.16
C SER B 143 -1.90 2.93 -21.00
N THR B 144 -2.39 4.07 -21.46
CA THR B 144 -1.63 5.31 -21.33
C THR B 144 -2.60 6.36 -20.85
N SER B 145 -2.15 7.15 -19.89
CA SER B 145 -3.00 8.19 -19.35
C SER B 145 -2.24 9.50 -19.43
N ARG B 146 -2.95 10.54 -19.85
CA ARG B 146 -2.38 11.88 -19.96
C ARG B 146 -3.41 12.83 -19.35
N VAL B 147 -2.97 13.63 -18.38
CA VAL B 147 -3.85 14.57 -17.69
C VAL B 147 -3.13 15.92 -17.61
N ARG B 148 -3.83 17.01 -17.24
CA ARG B 148 -3.11 18.25 -17.16
C ARG B 148 -3.43 19.56 -16.44
N LEU B 149 -2.47 19.94 -15.61
CA LEU B 149 -2.41 21.25 -15.01
C LEU B 149 -3.31 22.30 -14.28
N PHE B 150 -4.34 22.10 -13.47
CA PHE B 150 -4.81 23.40 -13.03
C PHE B 150 -4.48 24.10 -11.68
N TYR B 151 -3.50 25.03 -11.85
CA TYR B 151 -2.88 25.97 -10.87
C TYR B 151 -3.96 27.05 -10.97
N VAL B 152 -5.16 26.60 -10.61
CA VAL B 152 -6.36 27.38 -10.63
C VAL B 152 -6.53 28.02 -9.27
#